data_3PY1
#
_entry.id   3PY1
#
_cell.length_a   53.350
_cell.length_b   70.190
_cell.length_c   71.480
_cell.angle_alpha   90.00
_cell.angle_beta   90.00
_cell.angle_gamma   90.00
#
_symmetry.space_group_name_H-M   'P 21 21 21'
#
loop_
_entity.id
_entity.type
_entity.pdbx_description
1 polymer 'Cell division protein kinase 2'
2 non-polymer 1,2-ETHANEDIOL
3 non-polymer (3Z)-3-(1H-IMIDAZOL-5-YLMETHYLENE)-5-METHOXY-1H-INDOL-2(3H)-ONE
4 non-polymer '8-ANILINO-1-NAPHTHALENE SULFONATE'
5 water water
#
_entity_poly.entity_id   1
_entity_poly.type   'polypeptide(L)'
_entity_poly.pdbx_seq_one_letter_code
;GPLGSPEFMENFQKVEKIGEGTYGVVYKARNKLTGEVVALKKIRLDTETEGVPSTAIREISLLKELNHPNIVKLLDVIHT
ENKLYLVFEFLHQDLKKFMDASALTGIPLPLIKSYLFQLLQGLAFCHSHRVLHRDLKPQNLLINTEGAIKLADFGLARAF
GVPVRTYTHEVVTLWYRAPEILLGCKYYSTAVDIWSLGCIFAEMVTRRALFPGDSEIDQLFRIFRTLGTPDEVVWPGVTS
MPDYKPSFPKWARQDFSKVVPPLDEDGRSLLSQMLHYDPNKRISAKAALAHPFFQDVTKPVPHLRL
;
_entity_poly.pdbx_strand_id   A
#
loop_
_chem_comp.id
_chem_comp.type
_chem_comp.name
_chem_comp.formula
2AN non-polymer '8-ANILINO-1-NAPHTHALENE SULFONATE' 'C16 H13 N O3 S'
EDO non-polymer 1,2-ETHANEDIOL 'C2 H6 O2'
SU9 non-polymer (3Z)-3-(1H-IMIDAZOL-5-YLMETHYLENE)-5-METHOXY-1H-INDOL-2(3H)-ONE 'C13 H11 N3 O2'
#
# COMPACT_ATOMS: atom_id res chain seq x y z
N SER A 5 -24.14 -14.78 -15.69
CA SER A 5 -24.76 -15.82 -14.81
C SER A 5 -24.34 -15.57 -13.36
N PRO A 6 -25.29 -15.14 -12.52
CA PRO A 6 -24.99 -14.85 -11.12
C PRO A 6 -24.36 -16.01 -10.37
N GLU A 7 -23.39 -15.69 -9.53
CA GLU A 7 -22.72 -16.69 -8.70
C GLU A 7 -23.37 -16.61 -7.34
N PHE A 8 -23.29 -17.70 -6.59
CA PHE A 8 -23.84 -17.72 -5.24
C PHE A 8 -22.72 -18.24 -4.37
N MET A 9 -22.68 -17.77 -3.12
CA MET A 9 -21.63 -18.22 -2.24
C MET A 9 -21.58 -19.75 -2.07
N GLU A 10 -22.68 -20.45 -2.34
CA GLU A 10 -22.66 -21.91 -2.21
C GLU A 10 -21.85 -22.55 -3.34
N ASN A 11 -21.48 -21.75 -4.33
CA ASN A 11 -20.70 -22.24 -5.46
C ASN A 11 -19.19 -22.18 -5.19
N PHE A 12 -18.79 -21.67 -4.03
CA PHE A 12 -17.38 -21.53 -3.69
C PHE A 12 -16.98 -22.34 -2.48
N GLN A 13 -15.88 -23.07 -2.62
CA GLN A 13 -15.33 -23.90 -1.56
C GLN A 13 -14.14 -23.20 -0.92
N LYS A 14 -14.16 -23.03 0.41
CA LYS A 14 -13.04 -22.39 1.07
C LYS A 14 -11.83 -23.31 0.97
N VAL A 15 -10.66 -22.74 0.71
CA VAL A 15 -9.44 -23.51 0.63
C VAL A 15 -8.63 -23.18 1.87
N GLU A 16 -8.29 -21.91 2.05
CA GLU A 16 -7.52 -21.46 3.20
C GLU A 16 -7.46 -19.94 3.26
N LYS A 17 -7.19 -19.40 4.44
CA LYS A 17 -7.08 -17.96 4.62
C LYS A 17 -5.73 -17.56 4.03
N ILE A 18 -5.69 -16.48 3.27
CA ILE A 18 -4.43 -16.10 2.66
C ILE A 18 -4.03 -14.69 3.05
N GLY A 19 -4.94 -13.98 3.67
CA GLY A 19 -4.62 -12.63 4.08
C GLY A 19 -5.54 -12.02 5.10
N GLU A 20 -5.07 -10.94 5.70
CA GLU A 20 -5.83 -10.18 6.68
C GLU A 20 -5.78 -8.75 6.17
N GLY A 21 -6.91 -8.30 5.66
CA GLY A 21 -6.97 -6.96 5.10
C GLY A 21 -7.82 -6.06 5.94
N THR A 22 -8.06 -4.87 5.41
CA THR A 22 -8.86 -3.86 6.08
C THR A 22 -10.20 -4.38 6.52
N TYR A 23 -10.78 -5.28 5.74
CA TYR A 23 -12.09 -5.85 6.04
C TYR A 23 -12.01 -7.25 6.61
N GLY A 24 -10.89 -7.55 7.27
CA GLY A 24 -10.72 -8.86 7.86
C GLY A 24 -9.98 -9.85 6.98
N VAL A 25 -10.26 -11.13 7.21
CA VAL A 25 -9.63 -12.21 6.47
C VAL A 25 -10.02 -12.26 4.98
N VAL A 26 -9.04 -12.63 4.16
CA VAL A 26 -9.23 -12.78 2.71
C VAL A 26 -9.03 -14.29 2.51
N TYR A 27 -9.96 -14.93 1.82
CA TYR A 27 -9.87 -16.38 1.60
C TYR A 27 -9.51 -16.79 0.17
N LYS A 28 -8.77 -17.88 0.06
CA LYS A 28 -8.48 -18.46 -1.24
C LYS A 28 -9.67 -19.43 -1.31
N ALA A 29 -10.33 -19.50 -2.46
CA ALA A 29 -11.49 -20.38 -2.59
C ALA A 29 -11.50 -21.01 -3.96
N ARG A 30 -12.33 -22.03 -4.13
CA ARG A 30 -12.41 -22.71 -5.41
C ARG A 30 -13.84 -22.73 -5.90
N ASN A 31 -14.06 -22.21 -7.10
CA ASN A 31 -15.39 -22.20 -7.71
C ASN A 31 -15.70 -23.66 -8.05
N LYS A 32 -16.55 -24.30 -7.24
CA LYS A 32 -16.94 -25.69 -7.42
C LYS A 32 -17.34 -26.03 -8.86
N LEU A 33 -17.75 -25.02 -9.60
CA LEU A 33 -18.20 -25.23 -10.98
C LEU A 33 -17.05 -25.31 -12.00
N THR A 34 -16.26 -24.25 -12.10
CA THR A 34 -15.15 -24.21 -13.06
C THR A 34 -13.85 -24.80 -12.50
N GLY A 35 -13.77 -24.95 -11.18
CA GLY A 35 -12.57 -25.47 -10.57
C GLY A 35 -11.51 -24.40 -10.40
N GLU A 36 -11.85 -23.17 -10.81
CA GLU A 36 -10.97 -22.02 -10.74
C GLU A 36 -10.75 -21.48 -9.30
N VAL A 37 -9.50 -21.22 -8.93
CA VAL A 37 -9.22 -20.69 -7.61
C VAL A 37 -9.36 -19.18 -7.71
N VAL A 38 -9.88 -18.59 -6.63
CA VAL A 38 -10.13 -17.16 -6.56
C VAL A 38 -9.83 -16.65 -5.14
N ALA A 39 -9.89 -15.33 -4.97
CA ALA A 39 -9.68 -14.73 -3.65
C ALA A 39 -10.99 -14.06 -3.29
N LEU A 40 -11.41 -14.20 -2.03
CA LEU A 40 -12.66 -13.64 -1.56
C LEU A 40 -12.50 -12.61 -0.45
N LYS A 41 -13.13 -11.47 -0.65
CA LYS A 41 -13.14 -10.38 0.32
C LYS A 41 -14.60 -10.27 0.77
N LYS A 42 -14.84 -10.38 2.08
CA LYS A 42 -16.19 -10.30 2.62
C LYS A 42 -16.40 -8.97 3.30
N ILE A 43 -17.51 -8.32 3.00
CA ILE A 43 -17.82 -7.03 3.59
C ILE A 43 -19.20 -7.05 4.24
N ARG A 44 -19.22 -6.84 5.55
CA ARG A 44 -20.48 -6.82 6.29
C ARG A 44 -21.13 -5.45 6.17
N LEU A 45 -22.37 -5.43 5.72
CA LEU A 45 -23.12 -4.18 5.55
C LEU A 45 -24.00 -3.90 6.77
N ASP A 46 -24.03 -2.63 7.17
CA ASP A 46 -24.82 -2.23 8.32
C ASP A 46 -25.92 -1.26 7.89
N THR A 47 -26.97 -1.80 7.27
CA THR A 47 -28.10 -1.01 6.82
C THR A 47 -28.91 -0.48 8.01
N GLU A 48 -28.42 0.58 8.65
CA GLU A 48 -29.09 1.17 9.81
C GLU A 48 -29.62 2.58 9.59
N THR A 49 -28.90 3.56 10.13
CA THR A 49 -29.24 4.99 10.06
C THR A 49 -30.05 5.41 8.83
N GLU A 50 -29.65 4.96 7.66
CA GLU A 50 -30.34 5.31 6.43
C GLU A 50 -30.07 4.29 5.31
N GLY A 51 -29.05 3.47 5.50
CA GLY A 51 -28.69 2.47 4.51
C GLY A 51 -27.27 2.67 4.01
N VAL A 52 -27.06 2.46 2.71
CA VAL A 52 -25.74 2.63 2.12
C VAL A 52 -25.57 4.06 1.59
N PRO A 53 -24.55 4.78 2.08
CA PRO A 53 -24.26 6.17 1.67
C PRO A 53 -23.71 6.30 0.25
N SER A 54 -24.36 7.13 -0.55
CA SER A 54 -23.96 7.38 -1.93
C SER A 54 -22.48 7.76 -2.00
N THR A 55 -22.06 8.61 -1.07
CA THR A 55 -20.67 9.07 -1.03
C THR A 55 -19.70 7.89 -1.14
N ALA A 56 -19.83 6.93 -0.22
CA ALA A 56 -18.96 5.76 -0.24
C ALA A 56 -19.03 5.08 -1.61
N ILE A 57 -20.24 4.95 -2.16
CA ILE A 57 -20.41 4.29 -3.45
C ILE A 57 -19.69 5.03 -4.56
N ARG A 58 -19.59 6.35 -4.45
CA ARG A 58 -18.91 7.13 -5.48
C ARG A 58 -17.44 6.74 -5.57
N GLU A 59 -16.78 6.66 -4.42
CA GLU A 59 -15.36 6.29 -4.39
C GLU A 59 -15.17 4.93 -5.03
N ILE A 60 -16.06 4.02 -4.65
CA ILE A 60 -16.05 2.65 -5.14
C ILE A 60 -16.30 2.58 -6.63
N SER A 61 -17.09 3.50 -7.15
CA SER A 61 -17.35 3.53 -8.59
C SER A 61 -16.06 3.84 -9.31
N LEU A 62 -15.30 4.79 -8.79
CA LEU A 62 -14.03 5.13 -9.45
C LEU A 62 -13.08 3.94 -9.40
N LEU A 63 -13.09 3.23 -8.28
CA LEU A 63 -12.22 2.09 -8.16
C LEU A 63 -12.64 1.02 -9.17
N LYS A 64 -13.95 0.82 -9.28
CA LYS A 64 -14.51 -0.15 -10.20
C LYS A 64 -14.10 0.10 -11.63
N GLU A 65 -13.98 1.36 -12.00
CA GLU A 65 -13.61 1.74 -13.37
C GLU A 65 -12.14 1.47 -13.68
N LEU A 66 -11.28 1.44 -12.66
CA LEU A 66 -9.86 1.21 -12.88
C LEU A 66 -9.62 -0.08 -13.66
N ASN A 67 -8.70 0.02 -14.60
CA ASN A 67 -8.37 -1.10 -15.46
C ASN A 67 -6.89 -0.94 -15.76
N HIS A 68 -6.05 -1.74 -15.12
CA HIS A 68 -4.62 -1.61 -15.33
C HIS A 68 -3.94 -2.91 -14.96
N PRO A 69 -2.89 -3.27 -15.69
CA PRO A 69 -2.18 -4.52 -15.41
C PRO A 69 -1.62 -4.66 -13.98
N ASN A 70 -1.41 -3.53 -13.30
CA ASN A 70 -0.87 -3.60 -11.95
C ASN A 70 -1.88 -3.28 -10.85
N ILE A 71 -3.14 -3.57 -11.15
CA ILE A 71 -4.23 -3.41 -10.19
C ILE A 71 -4.97 -4.73 -10.27
N VAL A 72 -5.13 -5.41 -9.13
CA VAL A 72 -5.80 -6.70 -9.09
C VAL A 72 -7.18 -6.64 -9.79
N LYS A 73 -7.53 -7.70 -10.51
CA LYS A 73 -8.79 -7.77 -11.25
C LYS A 73 -9.95 -8.29 -10.43
N LEU A 74 -11.06 -7.58 -10.47
CA LEU A 74 -12.28 -7.99 -9.76
C LEU A 74 -13.03 -8.89 -10.74
N LEU A 75 -13.32 -10.13 -10.37
CA LEU A 75 -14.00 -11.03 -11.29
C LEU A 75 -15.52 -11.04 -11.11
N ASP A 76 -15.98 -10.76 -9.90
CA ASP A 76 -17.42 -10.77 -9.67
C ASP A 76 -17.75 -10.20 -8.31
N VAL A 77 -19.03 -9.87 -8.13
CA VAL A 77 -19.53 -9.32 -6.88
C VAL A 77 -20.76 -10.11 -6.48
N ILE A 78 -20.83 -10.52 -5.21
CA ILE A 78 -21.96 -11.31 -4.76
C ILE A 78 -22.66 -10.66 -3.56
N HIS A 79 -23.94 -10.34 -3.76
CA HIS A 79 -24.75 -9.72 -2.73
C HIS A 79 -25.64 -10.75 -2.04
N THR A 80 -25.84 -10.58 -0.74
CA THR A 80 -26.71 -11.46 0.04
C THR A 80 -27.58 -10.55 0.89
N GLU A 81 -27.85 -10.98 2.12
CA GLU A 81 -28.65 -10.21 3.06
C GLU A 81 -27.98 -8.87 3.37
N ASN A 82 -27.10 -8.92 4.35
CA ASN A 82 -26.36 -7.74 4.78
C ASN A 82 -24.87 -7.96 4.52
N LYS A 83 -24.55 -8.66 3.44
CA LYS A 83 -23.16 -8.94 3.13
C LYS A 83 -22.84 -8.71 1.66
N LEU A 84 -21.55 -8.56 1.40
CA LEU A 84 -21.03 -8.32 0.07
C LEU A 84 -19.77 -9.13 -0.04
N TYR A 85 -19.68 -9.97 -1.07
CA TYR A 85 -18.48 -10.79 -1.29
C TYR A 85 -17.89 -10.40 -2.62
N LEU A 86 -16.63 -10.04 -2.61
CA LEU A 86 -15.98 -9.68 -3.85
C LEU A 86 -15.11 -10.86 -4.26
N VAL A 87 -15.27 -11.28 -5.51
CA VAL A 87 -14.51 -12.40 -6.04
C VAL A 87 -13.41 -11.82 -6.90
N PHE A 88 -12.16 -12.05 -6.49
CA PHE A 88 -11.00 -11.51 -7.17
C PHE A 88 -10.14 -12.59 -7.80
N GLU A 89 -9.30 -12.18 -8.74
CA GLU A 89 -8.38 -13.12 -9.34
C GLU A 89 -7.42 -13.48 -8.20
N PHE A 90 -6.97 -14.72 -8.16
CA PHE A 90 -6.03 -15.16 -7.12
C PHE A 90 -4.58 -15.00 -7.60
N LEU A 91 -3.71 -14.42 -6.78
CA LEU A 91 -2.30 -14.30 -7.13
C LEU A 91 -1.54 -15.13 -6.11
N HIS A 92 -0.40 -15.63 -6.53
CA HIS A 92 0.42 -16.50 -5.70
C HIS A 92 0.70 -16.14 -4.24
N GLN A 93 1.26 -14.95 -4.03
CA GLN A 93 1.64 -14.45 -2.70
C GLN A 93 1.51 -12.94 -2.61
N ASP A 94 1.74 -12.41 -1.42
CA ASP A 94 1.75 -10.96 -1.25
C ASP A 94 3.22 -10.63 -0.97
N LEU A 95 3.57 -9.35 -1.05
CA LEU A 95 4.94 -8.92 -0.85
C LEU A 95 5.45 -9.21 0.55
N LYS A 96 4.59 -9.14 1.54
CA LYS A 96 5.04 -9.43 2.90
C LYS A 96 5.54 -10.87 3.01
N LYS A 97 4.74 -11.81 2.51
CA LYS A 97 5.12 -13.22 2.57
C LYS A 97 6.40 -13.47 1.78
N PHE A 98 6.51 -12.83 0.63
CA PHE A 98 7.69 -12.99 -0.22
C PHE A 98 8.94 -12.48 0.48
N MET A 99 8.85 -11.32 1.12
CA MET A 99 9.99 -10.78 1.83
C MET A 99 10.37 -11.68 3.00
N ASP A 100 9.36 -12.17 3.72
CA ASP A 100 9.62 -13.05 4.85
C ASP A 100 10.32 -14.32 4.42
N ALA A 101 9.99 -14.80 3.22
CA ALA A 101 10.58 -16.00 2.67
C ALA A 101 11.97 -15.72 2.08
N SER A 102 12.26 -14.44 1.83
CA SER A 102 13.55 -14.06 1.25
C SER A 102 14.43 -13.31 2.22
N ALA A 103 14.02 -13.25 3.49
CA ALA A 103 14.75 -12.49 4.50
C ALA A 103 16.20 -12.94 4.77
N LEU A 104 16.54 -14.17 4.41
CA LEU A 104 17.89 -14.64 4.67
C LEU A 104 18.88 -14.23 3.58
N THR A 105 18.36 -13.90 2.41
CA THR A 105 19.19 -13.49 1.30
C THR A 105 18.70 -12.19 0.69
N GLY A 106 17.45 -11.85 0.98
CA GLY A 106 16.87 -10.64 0.43
C GLY A 106 16.44 -10.78 -1.02
N ILE A 107 15.46 -10.00 -1.42
CA ILE A 107 14.96 -10.03 -2.80
C ILE A 107 16.05 -9.49 -3.73
N PRO A 108 16.38 -10.23 -4.81
CA PRO A 108 17.41 -9.76 -5.75
C PRO A 108 17.07 -8.36 -6.25
N LEU A 109 18.08 -7.51 -6.46
CA LEU A 109 17.86 -6.16 -6.92
C LEU A 109 17.02 -5.98 -8.19
N PRO A 110 17.22 -6.85 -9.20
CA PRO A 110 16.43 -6.68 -10.41
C PRO A 110 14.94 -6.84 -10.14
N LEU A 111 14.60 -7.70 -9.17
CA LEU A 111 13.20 -7.93 -8.81
C LEU A 111 12.69 -6.73 -8.05
N ILE A 112 13.52 -6.21 -7.16
CA ILE A 112 13.14 -5.02 -6.39
C ILE A 112 12.85 -3.89 -7.37
N LYS A 113 13.72 -3.74 -8.35
CA LYS A 113 13.59 -2.68 -9.33
C LYS A 113 12.33 -2.91 -10.14
N SER A 114 12.11 -4.14 -10.59
CA SER A 114 10.93 -4.44 -11.39
C SER A 114 9.63 -4.17 -10.64
N TYR A 115 9.54 -4.64 -9.40
CA TYR A 115 8.34 -4.43 -8.58
C TYR A 115 8.07 -2.96 -8.27
N LEU A 116 9.11 -2.21 -7.96
CA LEU A 116 8.95 -0.78 -7.66
C LEU A 116 8.48 -0.07 -8.93
N PHE A 117 9.10 -0.40 -10.07
CA PHE A 117 8.72 0.21 -11.35
C PHE A 117 7.25 -0.07 -11.66
N GLN A 118 6.84 -1.32 -11.47
CA GLN A 118 5.44 -1.71 -11.75
C GLN A 118 4.47 -1.02 -10.78
N LEU A 119 4.84 -0.94 -9.50
CA LEU A 119 3.97 -0.29 -8.54
C LEU A 119 3.83 1.18 -8.88
N LEU A 120 4.90 1.80 -9.38
CA LEU A 120 4.86 3.19 -9.76
C LEU A 120 3.96 3.40 -10.98
N GLN A 121 3.95 2.42 -11.91
CA GLN A 121 3.09 2.47 -13.10
C GLN A 121 1.63 2.36 -12.61
N GLY A 122 1.38 1.41 -11.73
CA GLY A 122 0.03 1.25 -11.18
C GLY A 122 -0.44 2.53 -10.49
N LEU A 123 0.41 3.10 -9.66
CA LEU A 123 0.03 4.33 -8.97
C LEU A 123 -0.12 5.52 -9.94
N ALA A 124 0.79 5.65 -10.90
CA ALA A 124 0.67 6.75 -11.85
C ALA A 124 -0.70 6.71 -12.51
N PHE A 125 -1.15 5.51 -12.84
CA PHE A 125 -2.45 5.30 -13.47
C PHE A 125 -3.58 5.67 -12.49
N CYS A 126 -3.46 5.25 -11.24
CA CYS A 126 -4.49 5.56 -10.25
C CYS A 126 -4.61 7.07 -10.07
N HIS A 127 -3.47 7.70 -9.80
CA HIS A 127 -3.45 9.13 -9.57
C HIS A 127 -3.97 9.96 -10.76
N SER A 128 -3.79 9.47 -11.99
CA SER A 128 -4.28 10.23 -13.12
C SER A 128 -5.78 9.94 -13.29
N HIS A 129 -6.29 8.97 -12.53
CA HIS A 129 -7.72 8.62 -12.60
C HIS A 129 -8.49 8.95 -11.33
N ARG A 130 -7.99 9.93 -10.59
CA ARG A 130 -8.60 10.41 -9.36
C ARG A 130 -8.70 9.39 -8.25
N VAL A 131 -7.76 8.45 -8.24
CA VAL A 131 -7.78 7.44 -7.21
C VAL A 131 -6.44 7.36 -6.46
N LEU A 132 -6.55 7.33 -5.14
CA LEU A 132 -5.42 7.20 -4.24
C LEU A 132 -5.64 5.88 -3.52
N HIS A 133 -4.56 5.15 -3.23
CA HIS A 133 -4.69 3.90 -2.49
C HIS A 133 -4.90 4.21 -1.00
N ARG A 134 -4.03 5.05 -0.44
CA ARG A 134 -4.11 5.49 0.96
C ARG A 134 -3.62 4.54 2.03
N ASP A 135 -3.59 3.24 1.75
CA ASP A 135 -3.14 2.30 2.77
C ASP A 135 -2.10 1.32 2.26
N LEU A 136 -1.12 1.80 1.51
CA LEU A 136 -0.14 0.88 0.96
C LEU A 136 0.69 0.18 2.02
N LYS A 137 0.82 -1.13 1.90
CA LYS A 137 1.65 -1.91 2.84
C LYS A 137 2.02 -3.17 2.08
N PRO A 138 3.13 -3.84 2.47
CA PRO A 138 3.56 -5.06 1.78
C PRO A 138 2.46 -6.10 1.64
N GLN A 139 1.62 -6.24 2.68
CA GLN A 139 0.55 -7.22 2.66
C GLN A 139 -0.48 -7.02 1.57
N ASN A 140 -0.70 -5.79 1.11
CA ASN A 140 -1.68 -5.65 0.06
C ASN A 140 -1.11 -5.49 -1.33
N LEU A 141 0.15 -5.89 -1.50
CA LEU A 141 0.82 -5.86 -2.80
C LEU A 141 0.97 -7.33 -3.22
N LEU A 142 0.25 -7.70 -4.27
CA LEU A 142 0.22 -9.09 -4.73
C LEU A 142 1.15 -9.42 -5.90
N ILE A 143 1.89 -10.52 -5.78
CA ILE A 143 2.80 -10.92 -6.83
C ILE A 143 2.37 -12.24 -7.47
N ASN A 144 2.51 -12.35 -8.79
CA ASN A 144 2.15 -13.61 -9.41
C ASN A 144 3.39 -14.35 -9.91
N THR A 145 3.18 -15.57 -10.35
CA THR A 145 4.26 -16.42 -10.84
C THR A 145 4.99 -15.85 -12.03
N GLU A 146 4.33 -14.97 -12.78
CA GLU A 146 4.92 -14.39 -13.97
C GLU A 146 5.71 -13.09 -13.78
N GLY A 147 5.99 -12.73 -12.53
CA GLY A 147 6.76 -11.52 -12.27
C GLY A 147 5.98 -10.21 -12.11
N ALA A 148 4.66 -10.26 -12.20
CA ALA A 148 3.87 -9.04 -12.04
C ALA A 148 3.56 -8.78 -10.57
N ILE A 149 3.36 -7.52 -10.21
CA ILE A 149 2.99 -7.18 -8.84
C ILE A 149 1.79 -6.29 -8.99
N LYS A 150 0.80 -6.45 -8.13
CA LYS A 150 -0.42 -5.65 -8.26
C LYS A 150 -0.95 -5.00 -6.99
N LEU A 151 -1.56 -3.84 -7.16
CA LEU A 151 -2.15 -3.13 -6.02
C LEU A 151 -3.47 -3.77 -5.64
N ALA A 152 -3.76 -3.81 -4.33
CA ALA A 152 -5.01 -4.39 -3.84
C ALA A 152 -5.35 -3.78 -2.46
N ASP A 153 -6.59 -3.97 -2.01
CA ASP A 153 -7.06 -3.47 -0.72
C ASP A 153 -6.89 -1.95 -0.57
N PHE A 154 -7.44 -1.20 -1.53
CA PHE A 154 -7.42 0.27 -1.54
C PHE A 154 -8.18 0.79 -0.33
N GLY A 155 -7.73 1.91 0.21
CA GLY A 155 -8.43 2.49 1.35
C GLY A 155 -9.38 3.56 0.83
N LEU A 156 -10.56 3.65 1.41
CA LEU A 156 -11.51 4.66 0.99
C LEU A 156 -11.35 5.90 1.87
N ALA A 157 -11.64 7.07 1.32
CA ALA A 157 -11.54 8.29 2.11
C ALA A 157 -12.71 8.28 3.10
N ARG A 158 -13.79 7.62 2.68
CA ARG A 158 -15.02 7.53 3.45
C ARG A 158 -15.32 6.07 3.85
N ALA A 159 -15.62 5.85 5.12
CA ALA A 159 -15.93 4.52 5.62
C ALA A 159 -17.09 3.96 4.80
N PHE A 160 -17.02 2.69 4.43
CA PHE A 160 -18.07 2.07 3.63
C PHE A 160 -18.96 1.15 4.47
N GLY A 161 -18.44 -0.02 4.81
CA GLY A 161 -19.22 -0.97 5.60
C GLY A 161 -18.80 -0.94 7.06
N VAL A 162 -19.06 -2.04 7.76
CA VAL A 162 -18.70 -2.11 9.18
C VAL A 162 -17.19 -2.31 9.30
N PRO A 163 -16.53 -1.48 10.13
CA PRO A 163 -15.08 -1.58 10.33
C PRO A 163 -14.62 -2.92 10.89
N VAL A 164 -13.36 -3.25 10.63
CA VAL A 164 -12.76 -4.49 11.12
C VAL A 164 -11.42 -4.14 11.77
N ARG A 165 -11.42 -4.08 13.10
CA ARG A 165 -10.24 -3.74 13.88
C ARG A 165 -9.26 -4.90 13.99
N THR A 166 -8.18 -4.79 13.22
CA THR A 166 -7.11 -5.78 13.19
C THR A 166 -5.79 -5.07 13.42
N TYR A 167 -4.75 -5.85 13.71
CA TYR A 167 -3.43 -5.26 13.91
C TYR A 167 -3.02 -4.62 12.59
N THR A 168 -3.30 -5.29 11.49
CA THR A 168 -2.91 -4.77 10.18
C THR A 168 -3.47 -3.38 9.89
N HIS A 169 -4.76 -3.17 10.10
CA HIS A 169 -5.36 -1.87 9.83
C HIS A 169 -5.09 -0.81 10.88
N GLU A 170 -5.16 -1.18 12.14
CA GLU A 170 -4.93 -0.24 13.23
C GLU A 170 -3.46 0.08 13.48
N VAL A 171 -2.58 -0.87 13.22
CA VAL A 171 -1.16 -0.62 13.48
C VAL A 171 -0.25 -0.64 12.25
N VAL A 172 -0.25 -1.74 11.51
CA VAL A 172 0.64 -1.82 10.35
C VAL A 172 0.47 -0.64 9.39
N THR A 173 -0.77 -0.19 9.20
CA THR A 173 -1.04 0.93 8.31
C THR A 173 -0.17 2.11 8.70
N LEU A 174 -0.05 2.36 10.00
CA LEU A 174 0.76 3.48 10.51
C LEU A 174 2.21 3.51 10.00
N TRP A 175 2.83 2.35 9.89
CA TRP A 175 4.23 2.23 9.48
C TRP A 175 4.55 2.88 8.14
N TYR A 176 3.55 2.93 7.28
CA TYR A 176 3.68 3.45 5.92
C TYR A 176 2.91 4.75 5.71
N ARG A 177 2.42 5.33 6.80
CA ARG A 177 1.65 6.57 6.69
C ARG A 177 2.49 7.83 6.55
N ALA A 178 2.13 8.67 5.58
CA ALA A 178 2.84 9.92 5.29
C ALA A 178 2.76 10.89 6.49
N PRO A 179 3.84 11.65 6.75
CA PRO A 179 3.86 12.61 7.88
C PRO A 179 2.79 13.67 7.89
N GLU A 180 2.37 14.13 6.69
CA GLU A 180 1.34 15.17 6.62
C GLU A 180 0.02 14.63 7.12
N ILE A 181 -0.19 13.32 6.99
CA ILE A 181 -1.42 12.74 7.51
C ILE A 181 -1.27 12.65 9.04
N LEU A 182 -0.08 12.22 9.51
CA LEU A 182 0.14 12.11 10.95
C LEU A 182 0.05 13.49 11.62
N LEU A 183 0.40 14.56 10.90
CA LEU A 183 0.33 15.90 11.47
C LEU A 183 -1.01 16.62 11.30
N GLY A 184 -2.04 15.87 10.91
CA GLY A 184 -3.38 16.43 10.77
C GLY A 184 -3.64 17.41 9.65
N CYS A 185 -2.88 17.28 8.57
CA CYS A 185 -3.02 18.17 7.41
C CYS A 185 -4.45 18.20 6.91
N LYS A 186 -4.87 19.36 6.41
CA LYS A 186 -6.21 19.48 5.85
C LYS A 186 -6.02 19.01 4.41
N TYR A 187 -6.74 17.97 4.00
CA TYR A 187 -6.62 17.45 2.65
C TYR A 187 -5.18 17.10 2.26
N TYR A 188 -4.93 15.83 1.98
CA TYR A 188 -3.60 15.41 1.57
C TYR A 188 -3.68 15.14 0.06
N SER A 189 -2.57 14.74 -0.54
CA SER A 189 -2.54 14.49 -1.98
C SER A 189 -2.02 13.11 -2.34
N THR A 190 -1.97 12.84 -3.63
CA THR A 190 -1.47 11.56 -4.13
C THR A 190 -0.08 11.29 -3.58
N ALA A 191 0.63 12.35 -3.18
CA ALA A 191 1.99 12.20 -2.62
C ALA A 191 2.05 11.27 -1.41
N VAL A 192 0.91 11.06 -0.74
CA VAL A 192 0.95 10.17 0.43
C VAL A 192 1.21 8.73 0.01
N ASP A 193 0.84 8.38 -1.22
CA ASP A 193 1.08 7.02 -1.70
C ASP A 193 2.56 6.87 -2.04
N ILE A 194 3.16 7.94 -2.55
CA ILE A 194 4.58 7.89 -2.89
C ILE A 194 5.38 7.67 -1.61
N TRP A 195 4.94 8.26 -0.51
CA TRP A 195 5.61 8.08 0.78
C TRP A 195 5.55 6.62 1.18
N SER A 196 4.36 6.06 1.13
CA SER A 196 4.19 4.67 1.51
C SER A 196 5.08 3.76 0.67
N LEU A 197 5.11 4.00 -0.64
CA LEU A 197 5.91 3.17 -1.53
C LEU A 197 7.38 3.35 -1.25
N GLY A 198 7.78 4.56 -0.90
CA GLY A 198 9.17 4.80 -0.55
C GLY A 198 9.53 3.96 0.67
N CYS A 199 8.65 3.90 1.65
CA CYS A 199 8.93 3.09 2.84
C CYS A 199 9.05 1.60 2.47
N ILE A 200 8.22 1.17 1.54
CA ILE A 200 8.24 -0.23 1.12
C ILE A 200 9.53 -0.52 0.35
N PHE A 201 9.97 0.42 -0.49
CA PHE A 201 11.21 0.27 -1.26
C PHE A 201 12.37 0.03 -0.28
N ALA A 202 12.47 0.89 0.74
CA ALA A 202 13.50 0.77 1.77
C ALA A 202 13.43 -0.61 2.42
N GLU A 203 12.22 -1.04 2.73
CA GLU A 203 12.02 -2.33 3.38
C GLU A 203 12.45 -3.52 2.54
N MET A 204 12.20 -3.46 1.23
CA MET A 204 12.61 -4.55 0.36
C MET A 204 14.12 -4.65 0.35
N VAL A 205 14.78 -3.50 0.42
CA VAL A 205 16.23 -3.47 0.40
C VAL A 205 16.89 -3.87 1.72
N THR A 206 16.32 -3.44 2.83
CA THR A 206 16.95 -3.76 4.12
C THR A 206 16.36 -4.99 4.77
N ARG A 207 15.20 -5.43 4.27
CA ARG A 207 14.53 -6.60 4.77
C ARG A 207 13.97 -6.36 6.17
N ARG A 208 13.75 -5.09 6.50
CA ARG A 208 13.18 -4.73 7.80
C ARG A 208 12.32 -3.47 7.63
N ALA A 209 11.16 -3.42 8.29
CA ALA A 209 10.30 -2.26 8.19
C ALA A 209 11.06 -1.02 8.62
N LEU A 210 10.88 0.07 7.89
CA LEU A 210 11.59 1.31 8.19
C LEU A 210 11.12 2.05 9.46
N PHE A 211 9.82 2.20 9.62
CA PHE A 211 9.26 2.92 10.75
C PHE A 211 8.09 2.14 11.37
N PRO A 212 8.39 1.09 12.14
CA PRO A 212 7.30 0.32 12.74
C PRO A 212 6.76 0.89 14.05
N GLY A 213 5.94 1.94 13.98
CA GLY A 213 5.41 2.53 15.20
C GLY A 213 4.16 1.83 15.70
N ASP A 214 3.76 2.09 16.95
CA ASP A 214 2.56 1.45 17.48
C ASP A 214 1.47 2.47 17.76
N SER A 215 1.75 3.75 17.48
CA SER A 215 0.79 4.83 17.67
C SER A 215 1.22 5.97 16.75
N GLU A 216 0.31 6.91 16.47
CA GLU A 216 0.61 8.04 15.59
C GLU A 216 1.77 8.88 16.10
N ILE A 217 1.82 9.12 17.41
CA ILE A 217 2.91 9.90 17.96
C ILE A 217 4.23 9.10 17.91
N ASP A 218 4.18 7.80 18.17
CA ASP A 218 5.40 6.97 18.12
C ASP A 218 5.87 6.91 16.65
N GLN A 219 4.93 6.79 15.72
CA GLN A 219 5.25 6.75 14.31
C GLN A 219 5.99 8.05 13.94
N LEU A 220 5.42 9.17 14.35
CA LEU A 220 6.01 10.46 14.05
C LEU A 220 7.42 10.59 14.62
N PHE A 221 7.62 10.15 15.85
CA PHE A 221 8.94 10.24 16.44
C PHE A 221 9.95 9.36 15.75
N ARG A 222 9.53 8.16 15.32
CA ARG A 222 10.42 7.26 14.61
C ARG A 222 10.86 7.91 13.29
N ILE A 223 9.92 8.53 12.59
CA ILE A 223 10.27 9.21 11.34
C ILE A 223 11.28 10.33 11.62
N PHE A 224 11.00 11.18 12.61
CA PHE A 224 11.91 12.30 12.92
C PHE A 224 13.32 11.81 13.31
N ARG A 225 13.38 10.70 14.04
CA ARG A 225 14.66 10.13 14.50
C ARG A 225 15.57 9.70 13.35
N THR A 226 14.98 9.41 12.20
CA THR A 226 15.75 8.94 11.05
C THR A 226 15.96 10.01 9.98
N LEU A 227 14.90 10.71 9.62
CA LEU A 227 15.02 11.71 8.58
C LEU A 227 15.25 13.09 9.16
N GLY A 228 15.29 13.16 10.49
CA GLY A 228 15.44 14.45 11.15
C GLY A 228 14.11 15.12 11.38
N THR A 229 14.00 15.85 12.48
CA THR A 229 12.77 16.56 12.80
C THR A 229 12.69 17.68 11.76
N PRO A 230 11.57 17.76 11.03
CA PRO A 230 11.41 18.78 9.99
C PRO A 230 11.24 20.18 10.58
N ASP A 231 11.59 21.18 9.79
CA ASP A 231 11.46 22.58 10.20
C ASP A 231 10.97 23.38 9.00
N GLU A 232 10.77 24.68 9.20
CA GLU A 232 10.28 25.52 8.13
C GLU A 232 11.22 25.60 6.94
N VAL A 233 12.49 25.35 7.16
CA VAL A 233 13.43 25.41 6.04
C VAL A 233 13.24 24.21 5.13
N VAL A 234 13.10 23.04 5.75
CA VAL A 234 12.93 21.79 5.02
C VAL A 234 11.52 21.58 4.52
N TRP A 235 10.54 22.00 5.32
CA TRP A 235 9.16 21.82 4.96
C TRP A 235 8.35 23.05 5.34
N PRO A 236 8.25 24.02 4.41
CA PRO A 236 7.51 25.26 4.62
C PRO A 236 6.10 24.99 5.12
N GLY A 237 5.74 25.62 6.23
CA GLY A 237 4.41 25.43 6.77
C GLY A 237 4.27 24.30 7.78
N VAL A 238 5.27 23.44 7.88
CA VAL A 238 5.17 22.33 8.83
C VAL A 238 4.82 22.75 10.27
N THR A 239 5.41 23.83 10.76
CA THR A 239 5.15 24.24 12.14
C THR A 239 3.73 24.73 12.40
N SER A 240 2.95 24.95 11.34
CA SER A 240 1.59 25.41 11.51
C SER A 240 0.54 24.33 11.27
N MET A 241 1.00 23.11 11.01
CA MET A 241 0.07 22.03 10.76
C MET A 241 -0.75 21.69 12.00
N PRO A 242 -2.03 21.34 11.81
CA PRO A 242 -2.92 21.01 12.92
C PRO A 242 -2.27 20.39 14.13
N ASP A 243 -1.66 19.21 13.97
CA ASP A 243 -1.07 18.52 15.09
C ASP A 243 0.41 18.70 15.34
N TYR A 244 1.00 19.75 14.79
CA TYR A 244 2.41 19.97 15.03
C TYR A 244 2.53 20.59 16.44
N LYS A 245 3.57 20.21 17.20
CA LYS A 245 3.79 20.77 18.53
C LYS A 245 5.23 21.26 18.64
N PRO A 246 5.43 22.55 19.00
CA PRO A 246 6.79 23.08 19.12
C PRO A 246 7.62 22.21 20.05
N SER A 247 6.94 21.47 20.92
CA SER A 247 7.61 20.62 21.88
C SER A 247 8.13 19.30 21.33
N PHE A 248 7.99 19.09 20.02
CA PHE A 248 8.52 17.85 19.42
C PHE A 248 10.03 17.85 19.60
N PRO A 249 10.62 16.69 19.93
CA PRO A 249 12.07 16.61 20.08
C PRO A 249 12.70 17.00 18.75
N LYS A 250 13.94 17.48 18.77
CA LYS A 250 14.59 17.86 17.54
C LYS A 250 15.74 16.90 17.28
N TRP A 251 15.52 15.97 16.36
CA TRP A 251 16.53 15.00 15.98
C TRP A 251 17.20 15.45 14.70
N ALA A 252 18.46 15.11 14.53
CA ALA A 252 19.16 15.46 13.31
C ALA A 252 18.89 14.35 12.31
N ARG A 253 19.08 14.68 11.04
CA ARG A 253 18.87 13.73 9.94
C ARG A 253 19.98 12.69 9.87
N GLN A 254 19.60 11.44 9.63
CA GLN A 254 20.60 10.38 9.49
C GLN A 254 20.79 10.15 7.99
N ASP A 255 22.00 9.77 7.59
CA ASP A 255 22.30 9.52 6.19
C ASP A 255 21.76 8.20 5.72
N PHE A 256 21.16 8.19 4.53
CA PHE A 256 20.61 6.98 3.91
C PHE A 256 21.67 5.92 3.74
N SER A 257 22.93 6.35 3.77
CA SER A 257 24.08 5.45 3.65
C SER A 257 24.03 4.50 4.85
N LYS A 258 23.42 4.97 5.93
CA LYS A 258 23.28 4.19 7.15
C LYS A 258 21.87 3.59 7.19
N VAL A 259 20.89 4.37 6.73
CA VAL A 259 19.50 3.91 6.76
C VAL A 259 19.24 2.73 5.80
N VAL A 260 19.82 2.80 4.60
CA VAL A 260 19.66 1.76 3.59
C VAL A 260 21.02 1.53 2.95
N PRO A 261 21.95 0.92 3.71
CA PRO A 261 23.31 0.62 3.26
C PRO A 261 23.52 0.08 1.84
N PRO A 262 22.78 -0.99 1.45
CA PRO A 262 22.92 -1.61 0.13
C PRO A 262 22.70 -0.76 -1.12
N LEU A 263 21.93 0.32 -1.02
CA LEU A 263 21.64 1.16 -2.18
C LEU A 263 22.77 2.05 -2.66
N ASP A 264 22.88 2.19 -3.97
CA ASP A 264 23.90 3.06 -4.57
C ASP A 264 23.28 4.46 -4.70
N GLU A 265 24.04 5.40 -5.23
CA GLU A 265 23.55 6.76 -5.36
C GLU A 265 22.22 6.91 -6.12
N ASP A 266 22.00 6.11 -7.16
CA ASP A 266 20.76 6.19 -7.93
C ASP A 266 19.57 5.75 -7.08
N GLY A 267 19.77 4.69 -6.30
CA GLY A 267 18.71 4.19 -5.43
C GLY A 267 18.41 5.16 -4.31
N ARG A 268 19.45 5.69 -3.68
CA ARG A 268 19.28 6.67 -2.62
C ARG A 268 18.64 7.94 -3.15
N SER A 269 19.00 8.32 -4.38
CA SER A 269 18.45 9.51 -4.96
C SER A 269 16.94 9.32 -5.12
N LEU A 270 16.53 8.15 -5.61
CA LEU A 270 15.10 7.91 -5.79
C LEU A 270 14.43 7.85 -4.44
N LEU A 271 15.00 7.06 -3.52
CA LEU A 271 14.41 6.94 -2.20
C LEU A 271 14.24 8.28 -1.52
N SER A 272 15.25 9.15 -1.62
CA SER A 272 15.19 10.45 -0.97
C SER A 272 14.07 11.33 -1.53
N GLN A 273 13.80 11.20 -2.82
CA GLN A 273 12.76 11.98 -3.44
C GLN A 273 11.39 11.43 -3.09
N MET A 274 11.32 10.16 -2.72
CA MET A 274 10.04 9.56 -2.35
C MET A 274 9.72 9.83 -0.89
N LEU A 275 10.75 10.00 -0.07
CA LEU A 275 10.58 10.24 1.36
C LEU A 275 10.81 11.69 1.76
N HIS A 276 10.58 12.60 0.83
CA HIS A 276 10.78 14.00 1.13
C HIS A 276 9.65 14.43 2.07
N TYR A 277 9.97 15.23 3.08
CA TYR A 277 8.95 15.68 4.03
C TYR A 277 7.85 16.51 3.35
N ASP A 278 8.25 17.50 2.55
CA ASP A 278 7.31 18.37 1.87
C ASP A 278 6.59 17.62 0.74
N PRO A 279 5.27 17.44 0.86
CA PRO A 279 4.51 16.74 -0.19
C PRO A 279 4.69 17.40 -1.56
N ASN A 280 5.05 18.68 -1.55
CA ASN A 280 5.23 19.44 -2.79
C ASN A 280 6.56 19.15 -3.49
N LYS A 281 7.52 18.65 -2.73
CA LYS A 281 8.81 18.34 -3.30
C LYS A 281 8.94 16.83 -3.54
N ARG A 282 8.02 16.06 -2.98
CA ARG A 282 8.02 14.60 -3.13
C ARG A 282 7.79 14.25 -4.61
N ILE A 283 8.59 13.34 -5.13
CA ILE A 283 8.48 12.99 -6.55
C ILE A 283 7.12 12.37 -6.88
N SER A 284 6.64 12.57 -8.11
CA SER A 284 5.35 11.99 -8.52
C SER A 284 5.63 10.60 -9.07
N ALA A 285 4.58 9.77 -9.15
CA ALA A 285 4.73 8.41 -9.69
C ALA A 285 5.24 8.50 -11.12
N LYS A 286 4.63 9.38 -11.90
CA LYS A 286 5.01 9.54 -13.29
C LYS A 286 6.48 9.98 -13.42
N ALA A 287 6.91 10.96 -12.65
CA ALA A 287 8.29 11.42 -12.73
C ALA A 287 9.24 10.34 -12.25
N ALA A 288 8.83 9.57 -11.24
CA ALA A 288 9.70 8.54 -10.71
C ALA A 288 10.03 7.48 -11.77
N LEU A 289 9.10 7.19 -12.66
CA LEU A 289 9.33 6.17 -13.71
C LEU A 289 10.50 6.54 -14.59
N ALA A 290 10.77 7.84 -14.69
CA ALA A 290 11.85 8.30 -15.54
C ALA A 290 13.17 8.42 -14.77
N HIS A 291 13.18 8.01 -13.51
CA HIS A 291 14.40 8.11 -12.70
C HIS A 291 15.49 7.19 -13.20
N PRO A 292 16.74 7.65 -13.17
CA PRO A 292 17.84 6.79 -13.66
C PRO A 292 18.00 5.46 -12.94
N PHE A 293 17.40 5.34 -11.77
CA PHE A 293 17.47 4.07 -11.03
C PHE A 293 16.86 2.95 -11.89
N PHE A 294 15.94 3.30 -12.79
CA PHE A 294 15.27 2.29 -13.62
C PHE A 294 15.86 2.10 -15.01
N GLN A 295 17.06 2.67 -15.21
CA GLN A 295 17.75 2.57 -16.49
C GLN A 295 17.90 1.13 -16.96
N ASP A 296 18.15 0.21 -16.06
CA ASP A 296 18.33 -1.19 -16.45
C ASP A 296 17.20 -2.11 -15.95
N VAL A 297 16.01 -1.55 -15.74
CA VAL A 297 14.89 -2.32 -15.26
C VAL A 297 14.46 -3.41 -16.25
N THR A 298 14.14 -4.58 -15.73
CA THR A 298 13.70 -5.69 -16.58
C THR A 298 12.43 -6.28 -15.97
N LYS A 299 12.04 -7.43 -16.48
CA LYS A 299 10.84 -8.11 -16.02
C LYS A 299 11.14 -9.55 -15.56
N PRO A 300 11.95 -9.71 -14.50
CA PRO A 300 12.30 -11.05 -13.99
C PRO A 300 11.14 -11.80 -13.33
N VAL A 301 11.22 -13.12 -13.30
CA VAL A 301 10.18 -13.92 -12.64
C VAL A 301 10.77 -14.34 -11.31
N PRO A 302 10.01 -14.20 -10.20
CA PRO A 302 10.48 -14.56 -8.86
C PRO A 302 10.67 -16.04 -8.57
N HIS A 303 11.35 -16.32 -7.45
CA HIS A 303 11.63 -17.68 -6.99
C HIS A 303 10.68 -17.98 -5.83
N LEU A 304 9.42 -18.26 -6.17
CA LEU A 304 8.40 -18.54 -5.18
C LEU A 304 8.40 -19.96 -4.60
N ARG A 305 8.41 -20.06 -3.27
CA ARG A 305 8.38 -21.35 -2.58
C ARG A 305 7.33 -21.27 -1.46
N LEU A 306 6.76 -22.42 -1.09
CA LEU A 306 5.73 -22.46 -0.04
C LEU A 306 5.67 -23.81 0.70
C1 EDO B . -19.49 -6.35 -11.72
O1 EDO B . -18.21 -5.91 -11.28
C2 EDO B . -19.58 -7.87 -11.60
O2 EDO B . -18.48 -8.47 -12.29
N5' SU9 C . -2.87 -14.17 -2.40
C4' SU9 C . -1.92 -14.91 -1.86
N3' SU9 C . -1.61 -14.47 -0.62
C2' SU9 C . -2.41 -13.37 -0.37
C1' SU9 C . -3.19 -13.21 -1.50
C6' SU9 C . -4.17 -12.13 -1.60
C9 SU9 C . -5.02 -11.81 -2.62
C8 SU9 C . -5.20 -12.45 -3.89
O10 SU9 C . -4.62 -13.44 -4.36
N7 SU9 C . -6.16 -11.78 -4.62
C5 SU9 C . -6.64 -10.71 -3.87
C6 SU9 C . -7.62 -9.71 -4.19
C1 SU9 C . -7.91 -8.71 -3.20
C2 SU9 C . -7.24 -8.68 -1.92
O11 SU9 C . -7.61 -7.67 -1.05
C12 SU9 C . -6.99 -7.58 0.23
C3 SU9 C . -6.26 -9.69 -1.66
C4 SU9 C . -5.97 -10.69 -2.63
C1 2AN D . -20.38 -2.13 -4.13
C2 2AN D . -19.82 -1.75 -2.85
C3 2AN D . -18.46 -1.93 -2.56
C4 2AN D . -17.60 -2.49 -3.54
C5 2AN D . -18.10 -2.87 -4.82
C6 2AN D . -17.24 -3.42 -5.80
C7 2AN D . -17.71 -3.80 -7.08
C8 2AN D . -19.08 -3.64 -7.42
N 2AN D . -21.65 -1.94 -4.37
S 2AN D . -21.70 -2.94 -7.06
C9 2AN D . -20.00 -3.10 -6.49
C10 2AN D . -19.53 -2.69 -5.17
C11 2AN D . -22.64 -2.04 -3.51
C12 2AN D . -22.82 -3.17 -2.66
C13 2AN D . -23.92 -3.22 -1.75
C14 2AN D . -24.84 -2.14 -1.68
C15 2AN D . -24.69 -0.99 -2.50
C16 2AN D . -23.61 -0.91 -3.42
O1 2AN D . -22.11 -1.55 -6.98
O2 2AN D . -22.56 -3.75 -6.21
O3 2AN D . -21.85 -3.46 -8.62
C1 2AN E . -12.50 -2.28 -4.62
C2 2AN E . -13.70 -1.62 -5.11
C3 2AN E . -14.01 -1.60 -6.48
C4 2AN E . -13.15 -2.20 -7.43
C5 2AN E . -11.94 -2.84 -7.00
C6 2AN E . -11.06 -3.43 -7.94
C7 2AN E . -9.87 -4.07 -7.54
C8 2AN E . -9.52 -4.17 -6.17
N 2AN E . -12.19 -2.30 -3.36
S 2AN E . -9.82 -3.84 -3.47
C9 2AN E . -10.35 -3.61 -5.18
C10 2AN E . -11.59 -2.91 -5.57
C11 2AN E . -12.87 -1.97 -2.29
C12 2AN E . -14.13 -2.55 -1.97
C13 2AN E . -14.81 -2.17 -0.78
C14 2AN E . -14.25 -1.22 0.10
C15 2AN E . -12.99 -0.61 -0.19
C16 2AN E . -12.29 -0.97 -1.36
O1 2AN E . -10.86 -4.49 -2.74
O2 2AN E . -9.50 -2.57 -2.85
O3 2AN E . -8.53 -4.85 -3.45
#